data_6UBO
#
_entry.id   6UBO
#
_cell.length_a   44.843
_cell.length_b   44.843
_cell.length_c   158.235
_cell.angle_alpha   90.000
_cell.angle_beta   90.000
_cell.angle_gamma   90.000
#
_symmetry.space_group_name_H-M   'P 43'
#
loop_
_entity.id
_entity.type
_entity.pdbx_description
1 polymer 'Outer membrane lipoprotein Blc'
2 non-polymer 12-(diethylamino)-2,2-bis(fluoranyl)-4,5-dimethyl-5-aza-3-azonia-2-boranuidatricyclo[7.4.0.0^{3,7}]trideca-1(13),3,7,9,11-pentaen-6-one
3 non-polymer 'CITRIC ACID'
4 non-polymer 'polyethylene glycol'
5 water water
#
_entity_poly.entity_id   1
_entity_poly.type   'polypeptide(L)'
_entity_poly.pdbx_seq_one_letter_code
;MGGSHHHHHHLESTSLYKKSSSTPPRGVTVVNNFDCKRYLGTWYEIARFDHRFERGLEKVTATYSLRDDGGLNVINKGYN
PDRGMWQQSEGKAYFTGAPTRAALKVSFFGPFYGGYNVIALDREYRHALVCGPDRDYLWINSRTPTISDEVKQEMLAVAT
REGFDVSKFIWVQQPGS
;
_entity_poly.pdbx_strand_id   A,B
#
# COMPACT_ATOMS: atom_id res chain seq x y z
N LYS A 19 10.03 20.46 -0.05
CA LYS A 19 9.46 21.12 1.19
C LYS A 19 8.87 20.08 2.17
N SER A 20 8.46 20.54 3.36
CA SER A 20 7.91 19.63 4.37
C SER A 20 6.70 18.90 3.83
N SER A 21 6.62 17.63 4.17
CA SER A 21 5.55 16.81 3.62
C SER A 21 4.33 16.92 4.53
N SER A 22 4.43 17.74 5.59
CA SER A 22 3.44 17.94 6.65
C SER A 22 2.62 19.20 6.55
N THR A 23 3.10 20.14 5.74
CA THR A 23 2.40 21.43 5.62
C THR A 23 1.79 21.53 4.24
N PRO A 24 0.77 22.38 4.02
CA PRO A 24 0.23 22.49 2.70
C PRO A 24 1.18 23.18 1.80
N PRO A 25 0.95 23.09 0.50
CA PRO A 25 1.75 23.92 -0.39
C PRO A 25 1.47 25.37 -0.02
N ARG A 26 2.47 26.23 -0.10
N ARG A 26 2.48 26.23 -0.10
CA ARG A 26 2.21 27.62 0.21
CA ARG A 26 2.22 27.63 0.19
C ARG A 26 1.14 28.21 -0.69
C ARG A 26 1.13 28.20 -0.69
N GLY A 27 0.19 28.92 -0.12
CA GLY A 27 -0.78 29.66 -0.90
C GLY A 27 -2.07 29.02 -1.26
N VAL A 28 -2.18 27.73 -1.09
CA VAL A 28 -3.42 27.11 -1.46
C VAL A 28 -4.62 27.47 -0.54
N THR A 29 -5.81 27.37 -1.07
CA THR A 29 -7.00 27.76 -0.39
C THR A 29 -7.62 26.64 0.41
N VAL A 30 -6.94 26.25 1.48
CA VAL A 30 -7.52 25.23 2.38
C VAL A 30 -8.89 25.65 2.85
N VAL A 31 -9.88 24.72 2.76
CA VAL A 31 -11.26 25.03 3.23
C VAL A 31 -11.23 25.16 4.75
N ASN A 32 -11.70 26.30 5.27
CA ASN A 32 -11.59 26.56 6.73
C ASN A 32 -12.90 26.46 7.51
N ASN A 33 -14.00 26.11 6.85
CA ASN A 33 -15.29 25.86 7.50
C ASN A 33 -15.82 24.44 7.20
N PHE A 34 -14.88 23.53 7.34
CA PHE A 34 -15.09 22.15 6.91
C PHE A 34 -15.96 21.40 7.91
N ASP A 35 -16.87 20.63 7.33
CA ASP A 35 -17.66 19.72 8.13
C ASP A 35 -17.30 18.30 7.76
N CYS A 36 -16.51 17.68 8.60
N CYS A 36 -16.47 17.63 8.56
CA CYS A 36 -15.96 16.41 8.29
CA CYS A 36 -15.94 16.35 8.08
C CYS A 36 -17.03 15.36 8.03
C CYS A 36 -17.05 15.33 7.97
N LYS A 37 -18.18 15.48 8.69
CA LYS A 37 -19.25 14.46 8.51
C LYS A 37 -19.78 14.45 7.08
N ARG A 38 -19.81 15.60 6.45
CA ARG A 38 -20.33 15.72 5.12
C ARG A 38 -19.34 15.16 4.06
N TYR A 39 -18.11 14.91 4.46
CA TYR A 39 -17.06 14.50 3.51
C TYR A 39 -16.87 12.97 3.56
N LEU A 40 -17.50 12.33 4.53
CA LEU A 40 -17.38 10.88 4.70
C LEU A 40 -18.02 10.08 3.61
N GLY A 41 -17.67 8.82 3.52
CA GLY A 41 -18.08 7.93 2.47
C GLY A 41 -17.18 7.96 1.27
N THR A 42 -17.76 7.71 0.08
CA THR A 42 -16.99 7.36 -1.07
C THR A 42 -16.96 8.44 -2.15
N TRP A 43 -15.77 8.57 -2.71
CA TRP A 43 -15.50 9.57 -3.75
C TRP A 43 -14.86 8.89 -4.94
N TYR A 44 -15.26 9.32 -6.13
CA TYR A 44 -14.61 8.82 -7.34
C TYR A 44 -13.48 9.77 -7.75
N GLU A 45 -12.35 9.17 -8.08
CA GLU A 45 -11.23 9.96 -8.61
C GLU A 45 -11.47 10.23 -10.09
N ILE A 46 -11.82 11.46 -10.41
CA ILE A 46 -12.04 11.85 -11.81
C ILE A 46 -10.74 12.08 -12.52
N ALA A 47 -9.78 12.71 -11.86
CA ALA A 47 -8.45 12.96 -12.45
C ALA A 47 -7.43 12.99 -11.34
N ARG A 48 -6.16 12.66 -11.60
CA ARG A 48 -5.10 12.72 -10.62
C ARG A 48 -3.85 13.14 -11.35
N PHE A 49 -2.93 13.76 -10.63
CA PHE A 49 -1.56 13.82 -11.09
C PHE A 49 -0.93 12.49 -10.81
N ASP A 50 -0.31 11.89 -11.82
CA ASP A 50 0.08 10.48 -11.64
C ASP A 50 1.36 10.44 -10.77
N HIS A 51 1.43 9.44 -9.89
CA HIS A 51 2.46 9.29 -8.90
C HIS A 51 2.54 7.81 -8.61
N ARG A 52 3.67 7.42 -7.99
CA ARG A 52 4.00 6.03 -7.78
C ARG A 52 2.88 5.26 -7.04
N PHE A 53 2.38 5.84 -5.96
CA PHE A 53 1.37 5.19 -5.13
C PHE A 53 0.23 4.59 -5.92
N GLU A 54 -0.23 5.27 -6.95
CA GLU A 54 -1.41 4.95 -7.76
C GLU A 54 -1.12 4.40 -9.13
N ARG A 55 0.16 4.24 -9.50
CA ARG A 55 0.51 3.96 -10.85
C ARG A 55 -0.17 2.66 -11.33
N GLY A 56 -0.73 2.73 -12.54
CA GLY A 56 -1.42 1.61 -13.19
C GLY A 56 -2.88 1.46 -12.93
N LEU A 57 -3.39 2.25 -12.00
CA LEU A 57 -4.80 2.13 -11.61
C LEU A 57 -5.81 2.99 -12.29
N GLU A 58 -6.97 2.40 -12.60
CA GLU A 58 -8.14 3.07 -13.11
C GLU A 58 -9.30 2.83 -12.19
N LYS A 59 -10.46 3.39 -12.49
CA LYS A 59 -11.66 3.21 -11.63
C LYS A 59 -11.44 3.40 -10.16
N VAL A 60 -10.66 4.45 -9.81
CA VAL A 60 -10.21 4.61 -8.43
C VAL A 60 -11.27 5.29 -7.63
N THR A 61 -11.50 4.80 -6.41
CA THR A 61 -12.33 5.45 -5.44
C THR A 61 -11.54 5.65 -4.15
N ALA A 62 -11.95 6.62 -3.36
CA ALA A 62 -11.44 6.80 -1.99
C ALA A 62 -12.66 6.77 -1.09
N THR A 63 -12.52 6.12 0.04
CA THR A 63 -13.59 6.00 1.06
C THR A 63 -13.08 6.46 2.41
N TYR A 64 -13.81 7.31 3.08
CA TYR A 64 -13.44 7.89 4.38
C TYR A 64 -14.42 7.48 5.44
N SER A 65 -13.94 7.00 6.60
CA SER A 65 -14.81 6.74 7.76
C SER A 65 -14.21 7.32 8.99
N LEU A 66 -15.04 7.57 9.98
CA LEU A 66 -14.56 8.23 11.20
C LEU A 66 -13.85 7.22 12.10
N ARG A 67 -12.87 7.66 12.86
CA ARG A 67 -12.27 6.80 13.85
C ARG A 67 -12.59 7.31 15.23
N ASP A 68 -12.52 6.40 16.21
N ASP A 68 -12.53 6.43 16.22
CA ASP A 68 -12.63 6.83 17.62
CA ASP A 68 -12.69 6.88 17.61
C ASP A 68 -11.58 7.87 18.09
C ASP A 68 -11.58 7.87 18.09
N ASP A 69 -10.39 7.76 17.53
CA ASP A 69 -9.30 8.70 17.89
C ASP A 69 -9.33 10.06 17.21
N GLY A 70 -10.37 10.38 16.46
CA GLY A 70 -10.53 11.63 15.83
C GLY A 70 -9.90 11.74 14.48
N GLY A 71 -9.28 10.69 13.99
CA GLY A 71 -8.83 10.75 12.59
C GLY A 71 -9.80 10.06 11.70
N LEU A 72 -9.33 9.75 10.48
CA LEU A 72 -10.20 9.08 9.49
C LEU A 72 -9.55 7.81 8.98
N ASN A 73 -10.37 6.80 8.76
CA ASN A 73 -9.86 5.61 8.06
C ASN A 73 -10.02 5.94 6.57
N VAL A 74 -9.04 5.58 5.74
CA VAL A 74 -9.05 5.86 4.29
C VAL A 74 -8.88 4.49 3.65
N ILE A 75 -9.77 4.15 2.72
CA ILE A 75 -9.52 2.97 1.89
C ILE A 75 -9.67 3.42 0.41
N ASN A 76 -8.62 3.27 -0.33
CA ASN A 76 -8.57 3.61 -1.72
C ASN A 76 -8.66 2.24 -2.44
N LYS A 77 -9.38 2.24 -3.56
CA LYS A 77 -9.50 1.01 -4.31
C LYS A 77 -9.39 1.39 -5.78
N GLY A 78 -8.86 0.48 -6.58
CA GLY A 78 -8.80 0.70 -8.00
C GLY A 78 -8.59 -0.59 -8.77
N TYR A 79 -8.67 -0.49 -10.09
CA TYR A 79 -8.54 -1.67 -10.96
C TYR A 79 -7.31 -1.49 -11.84
N ASN A 80 -6.47 -2.52 -11.89
CA ASN A 80 -5.27 -2.54 -12.71
C ASN A 80 -5.57 -3.37 -13.96
N PRO A 81 -5.78 -2.70 -15.10
CA PRO A 81 -6.23 -3.43 -16.28
C PRO A 81 -5.12 -4.33 -16.90
N ASP A 82 -3.84 -4.09 -16.59
CA ASP A 82 -2.72 -4.94 -17.03
C ASP A 82 -2.68 -6.27 -16.32
N ARG A 83 -3.07 -6.28 -15.05
CA ARG A 83 -3.06 -7.53 -14.28
C ARG A 83 -4.48 -8.05 -14.17
N GLY A 84 -5.47 -7.26 -14.58
CA GLY A 84 -6.84 -7.71 -14.49
C GLY A 84 -7.37 -7.89 -13.04
N MET A 85 -6.86 -7.08 -12.13
CA MET A 85 -7.22 -7.28 -10.72
C MET A 85 -7.50 -5.94 -10.05
N TRP A 86 -8.43 -5.94 -9.13
CA TRP A 86 -8.70 -4.83 -8.16
C TRP A 86 -7.69 -4.90 -7.08
N GLN A 87 -7.40 -3.73 -6.53
CA GLN A 87 -6.51 -3.65 -5.37
C GLN A 87 -7.04 -2.58 -4.44
N GLN A 88 -6.61 -2.67 -3.19
CA GLN A 88 -7.07 -1.72 -2.16
C GLN A 88 -5.86 -1.34 -1.27
N SER A 89 -5.90 -0.12 -0.73
CA SER A 89 -4.90 0.36 0.20
C SER A 89 -5.63 1.03 1.35
N GLU A 90 -5.28 0.70 2.60
CA GLU A 90 -5.94 1.23 3.78
C GLU A 90 -4.94 2.16 4.46
N GLY A 91 -5.39 3.30 4.89
CA GLY A 91 -4.51 4.25 5.58
C GLY A 91 -5.28 5.05 6.59
N LYS A 92 -4.64 6.01 7.21
CA LYS A 92 -5.25 6.84 8.21
C LYS A 92 -4.95 8.27 7.89
N ALA A 93 -5.91 9.14 8.19
CA ALA A 93 -5.71 10.54 8.04
C ALA A 93 -5.94 11.23 9.33
N TYR A 94 -5.15 12.24 9.61
CA TYR A 94 -5.40 13.03 10.84
C TYR A 94 -5.37 14.52 10.51
N PHE A 95 -6.26 15.28 11.12
CA PHE A 95 -6.18 16.74 10.93
C PHE A 95 -4.81 17.22 11.46
N THR A 96 -4.26 18.27 10.87
CA THR A 96 -3.01 18.82 11.37
C THR A 96 -3.32 19.96 12.33
N GLY A 97 -4.57 20.39 12.41
CA GLY A 97 -5.01 21.49 13.28
C GLY A 97 -6.48 21.25 13.66
N ALA A 98 -7.19 22.34 13.62
CA ALA A 98 -8.61 22.29 13.98
C ALA A 98 -9.34 21.47 12.97
N PRO A 99 -10.34 20.68 13.39
CA PRO A 99 -11.08 19.83 12.49
C PRO A 99 -12.03 20.56 11.54
N THR A 100 -12.15 21.87 11.70
CA THR A 100 -12.95 22.74 10.79
C THR A 100 -12.09 23.23 9.62
N ARG A 101 -10.80 22.92 9.67
N ARG A 101 -10.81 22.92 9.67
CA ARG A 101 -9.84 23.28 8.61
CA ARG A 101 -9.85 23.28 8.61
C ARG A 101 -9.44 21.96 7.93
C ARG A 101 -9.44 21.96 7.93
N ALA A 102 -9.69 21.89 6.64
CA ALA A 102 -9.44 20.68 5.85
C ALA A 102 -8.00 20.46 5.43
N ALA A 103 -7.14 20.59 6.44
CA ALA A 103 -5.70 20.32 6.27
C ALA A 103 -5.40 19.07 7.09
N LEU A 104 -4.99 18.00 6.40
CA LEU A 104 -4.71 16.73 7.08
C LEU A 104 -3.38 16.16 6.57
N LYS A 105 -2.98 15.07 7.17
CA LYS A 105 -1.88 14.22 6.65
C LYS A 105 -2.41 12.82 6.59
N VAL A 106 -2.04 12.10 5.55
N VAL A 106 -2.03 12.09 5.56
CA VAL A 106 -2.46 10.71 5.38
CA VAL A 106 -2.47 10.71 5.40
C VAL A 106 -1.25 9.78 5.35
C VAL A 106 -1.25 9.79 5.34
N SER A 107 -1.40 8.56 5.84
CA SER A 107 -0.29 7.63 6.05
C SER A 107 -0.78 6.28 5.66
N PHE A 108 0.01 5.62 4.82
CA PHE A 108 -0.28 4.27 4.33
C PHE A 108 0.95 3.40 4.66
N PHE A 109 0.84 2.12 4.40
CA PHE A 109 1.95 1.18 4.59
C PHE A 109 3.16 1.59 3.82
N GLY A 110 4.32 1.68 4.50
CA GLY A 110 5.54 1.96 3.74
C GLY A 110 5.79 3.43 3.60
N PRO A 111 6.45 3.84 2.52
CA PRO A 111 6.90 5.22 2.42
C PRO A 111 5.89 6.14 1.74
N PHE A 112 4.63 5.95 2.06
CA PHE A 112 3.56 6.78 1.48
C PHE A 112 2.84 7.54 2.58
N TYR A 113 3.26 8.77 2.79
CA TYR A 113 2.88 9.61 3.96
C TYR A 113 3.03 11.03 3.48
N GLY A 114 2.03 11.85 3.75
CA GLY A 114 2.11 13.26 3.51
C GLY A 114 0.79 14.03 3.58
N GLY A 115 0.88 15.34 3.33
CA GLY A 115 -0.33 16.20 3.44
C GLY A 115 -1.42 15.85 2.50
N TYR A 116 -2.62 16.17 2.98
CA TYR A 116 -3.89 15.95 2.27
C TYR A 116 -4.72 17.21 2.56
N ASN A 117 -5.08 17.96 1.53
CA ASN A 117 -5.71 19.25 1.76
C ASN A 117 -6.89 19.41 0.83
N VAL A 118 -8.04 19.75 1.36
CA VAL A 118 -9.16 20.04 0.50
C VAL A 118 -9.11 21.51 0.19
N ILE A 119 -8.92 21.86 -1.05
CA ILE A 119 -8.74 23.26 -1.46
C ILE A 119 -9.89 23.84 -2.28
N ALA A 120 -10.86 23.01 -2.68
CA ALA A 120 -12.09 23.49 -3.27
C ALA A 120 -13.14 22.47 -3.01
N LEU A 121 -14.35 22.95 -2.77
CA LEU A 121 -15.48 22.07 -2.44
C LEU A 121 -16.78 22.84 -2.71
N ASP A 122 -17.74 22.18 -3.35
CA ASP A 122 -19.06 22.81 -3.56
C ASP A 122 -19.85 22.72 -2.25
N ARG A 123 -20.88 23.55 -2.13
CA ARG A 123 -21.69 23.60 -0.91
C ARG A 123 -22.28 22.27 -0.51
N GLU A 124 -22.57 21.44 -1.49
CA GLU A 124 -23.19 20.17 -1.25
C GLU A 124 -22.23 18.97 -1.11
N TYR A 125 -20.90 19.22 -1.06
CA TYR A 125 -19.95 18.15 -0.86
C TYR A 125 -20.10 17.10 -1.91
N ARG A 126 -20.25 17.55 -3.17
CA ARG A 126 -20.37 16.67 -4.31
C ARG A 126 -19.08 16.53 -5.14
N HIS A 127 -18.32 17.63 -5.21
CA HIS A 127 -17.10 17.79 -5.96
C HIS A 127 -16.02 18.42 -5.13
N ALA A 128 -14.82 17.85 -5.21
CA ALA A 128 -13.67 18.32 -4.38
C ALA A 128 -12.39 18.39 -5.21
N LEU A 129 -11.59 19.43 -4.97
CA LEU A 129 -10.20 19.45 -5.44
C LEU A 129 -9.32 19.28 -4.21
N VAL A 130 -8.50 18.26 -4.25
CA VAL A 130 -7.65 17.83 -3.11
C VAL A 130 -6.21 17.92 -3.58
N CYS A 131 -5.33 18.54 -2.80
CA CYS A 131 -3.92 18.51 -3.08
C CYS A 131 -3.13 17.83 -2.00
N GLY A 132 -1.94 17.44 -2.39
CA GLY A 132 -0.92 16.92 -1.44
C GLY A 132 -0.09 18.04 -0.79
N PRO A 133 1.18 17.69 -0.36
CA PRO A 133 1.95 18.68 0.35
C PRO A 133 2.71 19.60 -0.53
N ASP A 134 2.68 19.30 -1.82
CA ASP A 134 3.30 20.19 -2.83
C ASP A 134 2.49 20.12 -4.12
N ARG A 135 2.88 20.93 -5.08
CA ARG A 135 2.11 21.07 -6.30
C ARG A 135 2.31 19.92 -7.29
N ASP A 136 3.00 18.86 -6.88
CA ASP A 136 3.06 17.60 -7.67
C ASP A 136 1.93 16.67 -7.32
N TYR A 137 1.06 17.05 -6.36
CA TYR A 137 -0.01 16.10 -5.94
C TYR A 137 -1.38 16.85 -6.04
N LEU A 138 -2.26 16.36 -6.92
CA LEU A 138 -3.60 16.99 -7.07
C LEU A 138 -4.59 15.98 -7.60
N TRP A 139 -5.85 16.10 -7.12
CA TRP A 139 -6.95 15.17 -7.50
C TRP A 139 -8.20 15.96 -7.65
N ILE A 140 -9.00 15.62 -8.69
CA ILE A 140 -10.40 16.04 -8.87
C ILE A 140 -11.26 14.84 -8.47
N ASN A 141 -12.05 15.00 -7.44
CA ASN A 141 -12.90 13.94 -6.97
C ASN A 141 -14.34 14.31 -7.02
N SER A 142 -15.18 13.31 -7.10
CA SER A 142 -16.62 13.51 -7.25
C SER A 142 -17.41 12.41 -6.55
N ARG A 143 -18.60 12.71 -6.04
CA ARG A 143 -19.48 11.64 -5.57
C ARG A 143 -20.04 10.78 -6.69
N THR A 144 -20.06 11.32 -7.87
CA THR A 144 -20.43 10.58 -9.05
C THR A 144 -19.27 10.21 -9.93
N PRO A 145 -19.38 9.11 -10.72
CA PRO A 145 -18.27 8.65 -11.46
C PRO A 145 -17.85 9.55 -12.65
N THR A 146 -18.79 10.35 -13.08
CA THR A 146 -18.53 11.34 -14.13
C THR A 146 -18.92 12.68 -13.63
N ILE A 147 -18.37 13.74 -14.26
CA ILE A 147 -18.70 15.15 -13.98
C ILE A 147 -18.95 15.88 -15.28
N SER A 148 -19.69 16.99 -15.18
CA SER A 148 -19.96 17.77 -16.38
C SER A 148 -18.75 18.49 -16.86
N ASP A 149 -18.78 18.91 -18.11
CA ASP A 149 -17.64 19.66 -18.69
C ASP A 149 -17.43 20.99 -17.96
N GLU A 150 -18.51 21.59 -17.51
CA GLU A 150 -18.43 22.87 -16.77
C GLU A 150 -17.69 22.68 -15.43
N VAL A 151 -18.01 21.58 -14.73
CA VAL A 151 -17.33 21.29 -13.46
C VAL A 151 -15.84 20.97 -13.78
N LYS A 152 -15.56 20.18 -14.81
N LYS A 152 -15.55 20.19 -14.82
CA LYS A 152 -14.17 19.97 -15.25
CA LYS A 152 -14.17 19.99 -15.23
C LYS A 152 -13.45 21.27 -15.48
C LYS A 152 -13.44 21.28 -15.50
N GLN A 153 -14.06 22.15 -16.28
CA GLN A 153 -13.46 23.47 -16.58
C GLN A 153 -13.16 24.25 -15.36
N GLU A 154 -14.10 24.32 -14.43
CA GLU A 154 -13.93 25.09 -13.21
C GLU A 154 -12.81 24.49 -12.36
N MET A 155 -12.77 23.14 -12.24
CA MET A 155 -11.69 22.52 -11.51
C MET A 155 -10.34 22.83 -12.09
N LEU A 156 -10.23 22.83 -13.40
CA LEU A 156 -8.90 23.11 -14.01
C LEU A 156 -8.52 24.59 -13.83
N ALA A 157 -9.53 25.46 -13.88
CA ALA A 157 -9.33 26.86 -13.68
C ALA A 157 -8.83 27.13 -12.28
N VAL A 158 -9.43 26.52 -11.27
CA VAL A 158 -8.98 26.67 -9.91
C VAL A 158 -7.58 26.13 -9.78
N ALA A 159 -7.34 24.94 -10.31
CA ALA A 159 -5.99 24.35 -10.19
C ALA A 159 -4.95 25.29 -10.75
N THR A 160 -5.22 25.83 -11.93
CA THR A 160 -4.28 26.73 -12.60
C THR A 160 -4.02 27.97 -11.74
N ARG A 161 -5.08 28.60 -11.26
CA ARG A 161 -5.02 29.85 -10.46
C ARG A 161 -4.20 29.64 -9.17
N GLU A 162 -4.15 28.41 -8.70
CA GLU A 162 -3.40 28.07 -7.48
C GLU A 162 -2.05 27.51 -7.76
N GLY A 163 -1.58 27.61 -8.99
CA GLY A 163 -0.21 27.33 -9.26
C GLY A 163 0.15 25.91 -9.69
N PHE A 164 -0.89 25.10 -9.90
CA PHE A 164 -0.67 23.70 -10.30
C PHE A 164 -0.63 23.59 -11.83
N ASP A 165 0.15 22.66 -12.34
CA ASP A 165 0.35 22.46 -13.80
C ASP A 165 -0.64 21.40 -14.25
N VAL A 166 -1.73 21.83 -14.89
CA VAL A 166 -2.78 20.87 -15.22
C VAL A 166 -2.42 19.90 -16.30
N SER A 167 -1.23 20.08 -16.96
CA SER A 167 -0.76 19.03 -17.86
C SER A 167 -0.46 17.75 -17.15
N LYS A 168 -0.32 17.83 -15.80
CA LYS A 168 -0.03 16.66 -15.05
C LYS A 168 -1.26 15.75 -14.81
N PHE A 169 -2.43 16.24 -15.12
CA PHE A 169 -3.60 15.40 -14.82
C PHE A 169 -3.76 14.31 -15.84
N ILE A 170 -4.20 13.18 -15.32
CA ILE A 170 -4.68 12.10 -16.20
C ILE A 170 -6.14 11.91 -15.85
N TRP A 171 -6.93 11.65 -16.88
CA TRP A 171 -8.37 11.45 -16.70
C TRP A 171 -8.61 9.98 -16.49
N VAL A 172 -9.11 9.67 -15.31
CA VAL A 172 -9.18 8.27 -14.84
C VAL A 172 -10.44 7.61 -15.41
N GLN A 173 -10.24 6.47 -16.02
CA GLN A 173 -11.39 5.75 -16.55
C GLN A 173 -12.38 5.41 -15.42
N GLN A 174 -13.67 5.68 -15.66
CA GLN A 174 -14.66 5.41 -14.66
C GLN A 174 -15.93 4.85 -15.38
N PRO A 175 -16.86 4.24 -14.65
CA PRO A 175 -18.11 3.85 -15.26
C PRO A 175 -18.79 5.06 -15.94
N GLY A 176 -18.89 4.99 -17.27
CA GLY A 176 -19.61 5.96 -18.11
C GLY A 176 -18.80 7.14 -18.58
N SER A 177 -17.53 7.24 -18.17
CA SER A 177 -16.66 8.40 -18.49
C SER A 177 -16.76 8.90 -19.94
N LYS B 19 14.88 -9.78 -14.51
CA LYS B 19 14.33 -10.88 -15.34
C LYS B 19 12.80 -10.82 -15.32
N SER B 20 12.07 -11.85 -15.76
CA SER B 20 10.59 -11.77 -15.60
C SER B 20 10.22 -11.61 -14.13
N SER B 21 9.27 -10.73 -13.86
CA SER B 21 8.78 -10.53 -12.48
C SER B 21 7.91 -11.70 -12.08
N SER B 22 7.53 -12.58 -13.02
CA SER B 22 6.62 -13.69 -12.73
C SER B 22 7.16 -15.06 -12.49
N THR B 23 8.47 -15.28 -12.57
CA THR B 23 9.06 -16.57 -12.40
C THR B 23 10.03 -16.44 -11.19
N PRO B 24 10.40 -17.58 -10.60
CA PRO B 24 11.38 -17.56 -9.51
C PRO B 24 12.75 -17.08 -10.06
N PRO B 25 13.65 -16.79 -9.13
CA PRO B 25 14.98 -16.33 -9.59
C PRO B 25 15.60 -17.48 -10.36
N ARG B 26 16.44 -17.21 -11.35
N ARG B 26 16.45 -17.21 -11.33
CA ARG B 26 17.07 -18.28 -12.12
CA ARG B 26 17.01 -18.30 -12.13
C ARG B 26 17.82 -19.26 -11.23
C ARG B 26 17.83 -19.25 -11.26
N GLY B 27 17.56 -20.54 -11.43
CA GLY B 27 18.20 -21.57 -10.72
C GLY B 27 17.79 -21.88 -9.29
N VAL B 28 16.81 -21.13 -8.77
CA VAL B 28 16.40 -21.26 -7.36
C VAL B 28 15.31 -22.31 -7.25
N THR B 29 15.45 -23.19 -6.28
CA THR B 29 14.54 -24.29 -6.15
C THR B 29 13.44 -23.81 -5.19
N VAL B 30 12.22 -24.06 -5.55
CA VAL B 30 11.04 -23.76 -4.71
C VAL B 30 10.45 -25.06 -4.18
N VAL B 31 9.83 -24.93 -3.01
CA VAL B 31 9.10 -26.06 -2.36
C VAL B 31 8.06 -26.63 -3.30
N ASN B 32 8.07 -27.95 -3.48
CA ASN B 32 7.19 -28.60 -4.47
C ASN B 32 6.12 -29.50 -3.83
N ASN B 33 6.09 -29.59 -2.50
CA ASN B 33 5.05 -30.39 -1.79
C ASN B 33 4.44 -29.50 -0.71
N PHE B 34 4.04 -28.34 -1.15
CA PHE B 34 3.46 -27.27 -0.29
C PHE B 34 2.10 -27.63 0.28
N ASP B 35 1.92 -27.30 1.57
CA ASP B 35 0.67 -27.45 2.27
C ASP B 35 0.10 -26.07 2.51
N CYS B 36 -0.61 -25.56 1.54
CA CYS B 36 -1.09 -24.16 1.60
C CYS B 36 -1.89 -23.87 2.90
N LYS B 37 -2.78 -24.78 3.28
CA LYS B 37 -3.56 -24.54 4.49
C LYS B 37 -2.69 -24.44 5.76
N ARG B 38 -1.61 -25.19 5.86
N ARG B 38 -1.62 -25.22 5.91
CA ARG B 38 -0.75 -25.12 6.99
CA ARG B 38 -0.76 -25.13 7.09
C ARG B 38 0.07 -23.84 7.05
C ARG B 38 0.12 -23.86 7.05
N TYR B 39 0.18 -23.19 5.90
CA TYR B 39 0.98 -21.95 5.76
C TYR B 39 0.15 -20.73 6.15
N LEU B 40 -1.15 -20.93 6.32
CA LEU B 40 -2.04 -19.80 6.66
C LEU B 40 -1.77 -19.25 8.07
N GLY B 41 -2.34 -18.09 8.37
CA GLY B 41 -2.08 -17.44 9.61
C GLY B 41 -0.94 -16.41 9.56
N THR B 42 -0.50 -16.07 10.76
CA THR B 42 0.46 -15.00 11.00
C THR B 42 1.87 -15.49 11.11
N TRP B 43 2.73 -14.74 10.39
CA TRP B 43 4.20 -14.93 10.42
C TRP B 43 4.88 -13.64 10.76
N TYR B 44 5.92 -13.74 11.57
CA TYR B 44 6.73 -12.55 11.89
C TYR B 44 7.90 -12.50 10.92
N GLU B 45 8.21 -11.30 10.49
CA GLU B 45 9.33 -11.08 9.59
C GLU B 45 10.54 -10.88 10.46
N ILE B 46 11.46 -11.85 10.44
CA ILE B 46 12.71 -11.79 11.19
C ILE B 46 13.75 -10.92 10.48
N ALA B 47 13.79 -11.01 9.15
CA ALA B 47 14.81 -10.28 8.40
C ALA B 47 14.24 -10.09 7.02
N ARG B 48 14.70 -9.04 6.36
CA ARG B 48 14.29 -8.80 4.94
C ARG B 48 15.40 -8.08 4.21
N PHE B 49 15.47 -8.26 2.91
CA PHE B 49 16.34 -7.37 2.11
C PHE B 49 15.50 -6.09 2.01
N ASP B 50 16.15 -4.95 2.11
CA ASP B 50 15.49 -3.63 2.17
C ASP B 50 14.96 -3.22 0.82
N HIS B 51 13.69 -2.84 0.79
CA HIS B 51 13.05 -2.29 -0.41
C HIS B 51 12.09 -1.19 0.02
N ARG B 52 11.77 -0.32 -0.93
CA ARG B 52 10.72 0.71 -0.77
C ARG B 52 9.40 0.20 -0.13
N PHE B 53 8.86 -0.92 -0.57
CA PHE B 53 7.52 -1.31 -0.12
C PHE B 53 7.40 -1.24 1.42
N GLU B 54 8.45 -1.69 2.12
CA GLU B 54 8.42 -1.89 3.58
C GLU B 54 9.31 -0.91 4.27
N ARG B 55 9.92 0.01 3.53
CA ARG B 55 10.87 0.89 4.18
C ARG B 55 10.25 1.73 5.31
N GLY B 56 11.01 1.79 6.36
CA GLY B 56 10.57 2.41 7.62
C GLY B 56 9.81 1.57 8.66
N LEU B 57 9.63 0.30 8.33
CA LEU B 57 8.76 -0.53 9.19
C LEU B 57 9.47 -1.58 10.02
N GLU B 58 9.11 -1.57 11.29
N GLU B 58 9.13 -1.55 11.31
CA GLU B 58 9.60 -2.53 12.26
CA GLU B 58 9.61 -2.54 12.26
C GLU B 58 8.43 -3.40 12.68
C GLU B 58 8.43 -3.40 12.69
N LYS B 59 8.70 -4.47 13.42
CA LYS B 59 7.61 -5.26 14.03
C LYS B 59 6.65 -5.85 13.01
N VAL B 60 7.15 -6.17 11.85
CA VAL B 60 6.34 -6.57 10.68
C VAL B 60 5.81 -8.01 10.81
N THR B 61 4.51 -8.19 10.50
CA THR B 61 3.90 -9.53 10.35
C THR B 61 3.22 -9.62 9.01
N ALA B 62 3.09 -10.84 8.53
CA ALA B 62 2.30 -11.12 7.33
C ALA B 62 1.28 -12.17 7.73
N THR B 63 0.03 -11.91 7.38
CA THR B 63 -1.08 -12.83 7.72
C THR B 63 -1.79 -13.29 6.44
N TYR B 64 -1.85 -14.60 6.26
CA TYR B 64 -2.39 -15.22 5.06
C TYR B 64 -3.70 -15.93 5.36
N SER B 65 -4.63 -15.79 4.43
CA SER B 65 -5.92 -16.47 4.52
C SER B 65 -6.38 -16.90 3.14
N LEU B 66 -7.30 -17.89 3.12
CA LEU B 66 -7.74 -18.47 1.85
C LEU B 66 -8.87 -17.64 1.21
N ARG B 67 -8.90 -17.51 -0.11
CA ARG B 67 -9.95 -16.82 -0.84
C ARG B 67 -10.79 -17.89 -1.49
N ASP B 68 -12.06 -17.58 -1.69
CA ASP B 68 -12.97 -18.43 -2.43
C ASP B 68 -12.49 -18.74 -3.84
N ASP B 69 -11.72 -17.84 -4.40
CA ASP B 69 -11.19 -17.99 -5.80
C ASP B 69 -9.87 -18.76 -5.94
N GLY B 70 -9.39 -19.29 -4.86
CA GLY B 70 -8.20 -20.15 -4.88
C GLY B 70 -6.92 -19.43 -4.61
N GLY B 71 -6.99 -18.11 -4.52
CA GLY B 71 -5.85 -17.25 -4.15
C GLY B 71 -5.80 -17.09 -2.63
N LEU B 72 -4.84 -16.29 -2.19
CA LEU B 72 -4.66 -16.00 -0.76
C LEU B 72 -4.82 -14.50 -0.54
N ASN B 73 -5.44 -14.14 0.55
CA ASN B 73 -5.39 -12.71 0.94
C ASN B 73 -4.15 -12.57 1.82
N VAL B 74 -3.44 -11.49 1.60
CA VAL B 74 -2.24 -11.15 2.37
C VAL B 74 -2.42 -9.81 3.05
N ILE B 75 -2.30 -9.83 4.39
CA ILE B 75 -2.25 -8.59 5.21
C ILE B 75 -0.87 -8.49 5.87
N ASN B 76 -0.16 -7.50 5.42
CA ASN B 76 1.14 -7.14 6.00
C ASN B 76 0.87 -6.00 6.98
N LYS B 77 1.49 -6.08 8.14
CA LYS B 77 1.28 -4.99 9.11
C LYS B 77 2.64 -4.68 9.75
N GLY B 78 2.87 -3.41 10.00
CA GLY B 78 4.11 -2.99 10.69
C GLY B 78 4.00 -1.65 11.35
N TYR B 79 5.01 -1.33 12.10
CA TYR B 79 5.06 -0.08 12.86
C TYR B 79 6.14 0.80 12.31
N ASN B 80 5.83 2.08 12.08
CA ASN B 80 6.83 3.07 11.73
C ASN B 80 7.14 3.99 12.94
N PRO B 81 8.34 3.81 13.53
CA PRO B 81 8.68 4.50 14.79
C PRO B 81 8.95 5.97 14.53
N ASP B 82 9.26 6.36 13.28
CA ASP B 82 9.43 7.77 13.00
C ASP B 82 8.14 8.52 13.11
N ARG B 83 7.07 8.01 12.50
CA ARG B 83 5.81 8.67 12.63
C ARG B 83 4.96 8.14 13.76
N GLY B 84 5.39 7.08 14.42
CA GLY B 84 4.67 6.60 15.56
C GLY B 84 3.34 5.89 15.29
N MET B 85 3.28 5.23 14.14
CA MET B 85 1.97 4.67 13.73
C MET B 85 2.10 3.27 13.12
N TRP B 86 1.09 2.49 13.40
CA TRP B 86 0.88 1.14 12.82
C TRP B 86 0.30 1.39 11.41
N GLN B 87 0.69 0.52 10.48
CA GLN B 87 0.12 0.56 9.12
C GLN B 87 -0.13 -0.87 8.64
N GLN B 88 -1.02 -1.05 7.65
CA GLN B 88 -1.29 -2.37 7.06
C GLN B 88 -1.50 -2.25 5.56
N SER B 89 -1.12 -3.32 4.84
CA SER B 89 -1.24 -3.34 3.38
C SER B 89 -2.00 -4.65 3.12
N GLU B 90 -3.02 -4.64 2.26
N GLU B 90 -3.03 -4.64 2.28
CA GLU B 90 -3.75 -5.84 1.95
CA GLU B 90 -3.73 -5.85 1.90
C GLU B 90 -3.48 -6.18 0.47
C GLU B 90 -3.45 -6.18 0.46
N GLY B 91 -3.15 -7.45 0.17
CA GLY B 91 -2.83 -7.84 -1.19
C GLY B 91 -3.43 -9.20 -1.47
N LYS B 92 -3.16 -9.70 -2.67
CA LYS B 92 -3.70 -11.00 -3.11
C LYS B 92 -2.53 -11.78 -3.68
N ALA B 93 -2.50 -13.05 -3.42
CA ALA B 93 -1.47 -13.88 -3.97
C ALA B 93 -2.17 -15.02 -4.70
N TYR B 94 -1.61 -15.35 -5.86
CA TYR B 94 -2.13 -16.50 -6.62
C TYR B 94 -0.97 -17.42 -7.02
N PHE B 95 -1.19 -18.71 -6.93
CA PHE B 95 -0.21 -19.66 -7.49
C PHE B 95 0.03 -19.41 -8.92
N THR B 96 1.26 -19.58 -9.41
CA THR B 96 1.54 -19.44 -10.84
C THR B 96 1.42 -20.79 -11.53
N GLY B 97 1.26 -21.84 -10.76
CA GLY B 97 1.13 -23.23 -11.26
C GLY B 97 0.29 -24.05 -10.27
N ALA B 98 0.67 -25.29 -10.12
CA ALA B 98 0.04 -26.16 -9.19
C ALA B 98 0.15 -25.68 -7.78
N PRO B 99 -0.92 -25.82 -6.99
CA PRO B 99 -0.93 -25.31 -5.65
C PRO B 99 -0.02 -26.10 -4.69
N THR B 100 0.55 -27.19 -5.14
CA THR B 100 1.52 -28.00 -4.45
C THR B 100 2.96 -27.39 -4.57
N ARG B 101 3.09 -26.46 -5.49
CA ARG B 101 4.42 -25.84 -5.73
C ARG B 101 4.32 -24.44 -5.14
N ALA B 102 5.22 -24.07 -4.22
CA ALA B 102 5.15 -22.75 -3.54
C ALA B 102 5.70 -21.58 -4.38
N ALA B 103 5.20 -21.44 -5.60
CA ALA B 103 5.55 -20.34 -6.51
C ALA B 103 4.26 -19.59 -6.74
N LEU B 104 4.26 -18.34 -6.36
CA LEU B 104 3.10 -17.48 -6.44
C LEU B 104 3.50 -16.15 -6.99
N LYS B 105 2.50 -15.28 -7.22
CA LYS B 105 2.77 -13.85 -7.46
C LYS B 105 1.85 -13.09 -6.53
N VAL B 106 2.37 -12.06 -5.92
CA VAL B 106 1.58 -11.23 -5.03
C VAL B 106 1.41 -9.83 -5.55
N SER B 107 0.24 -9.26 -5.31
CA SER B 107 -0.01 -7.92 -5.84
C SER B 107 -0.71 -7.10 -4.79
N PHE B 108 -0.28 -5.83 -4.66
CA PHE B 108 -0.84 -4.85 -3.77
C PHE B 108 -1.22 -3.61 -4.55
N PHE B 109 -1.85 -2.66 -3.88
CA PHE B 109 -2.23 -1.40 -4.49
C PHE B 109 -1.04 -0.78 -5.18
N GLY B 110 -1.26 -0.37 -6.44
CA GLY B 110 -0.30 0.35 -7.23
C GLY B 110 0.81 -0.57 -7.71
N PRO B 111 2.04 -0.06 -7.78
CA PRO B 111 3.09 -0.75 -8.55
C PRO B 111 3.93 -1.77 -7.74
N PHE B 112 3.27 -2.51 -6.90
CA PHE B 112 3.92 -3.56 -6.08
C PHE B 112 3.28 -4.87 -6.46
N TYR B 113 3.93 -5.59 -7.38
CA TYR B 113 3.44 -6.78 -8.02
C TYR B 113 4.64 -7.66 -8.34
N GLY B 114 4.62 -8.93 -8.01
CA GLY B 114 5.77 -9.71 -8.39
C GLY B 114 5.81 -11.06 -7.80
N GLY B 115 6.79 -11.88 -8.14
CA GLY B 115 6.81 -13.23 -7.60
C GLY B 115 7.04 -13.41 -6.13
N TYR B 116 6.46 -14.47 -5.59
CA TYR B 116 6.53 -14.81 -4.15
C TYR B 116 6.80 -16.30 -4.10
N ASN B 117 7.91 -16.71 -3.51
CA ASN B 117 8.31 -18.16 -3.59
C ASN B 117 8.78 -18.60 -2.24
N VAL B 118 8.28 -19.73 -1.78
CA VAL B 118 8.78 -20.31 -0.56
C VAL B 118 9.92 -21.28 -0.92
N ILE B 119 11.14 -20.96 -0.51
CA ILE B 119 12.31 -21.73 -0.91
C ILE B 119 12.82 -22.65 0.20
N ALA B 120 12.35 -22.49 1.42
CA ALA B 120 12.62 -23.47 2.46
C ALA B 120 11.59 -23.29 3.58
N LEU B 121 11.22 -24.44 4.10
CA LEU B 121 10.24 -24.54 5.18
C LEU B 121 10.65 -25.69 6.08
N ASP B 122 10.52 -25.52 7.37
CA ASP B 122 10.67 -26.73 8.19
C ASP B 122 9.43 -27.59 8.15
N ARG B 123 9.54 -28.81 8.63
CA ARG B 123 8.38 -29.73 8.53
C ARG B 123 7.19 -29.25 9.36
N GLU B 124 7.45 -28.50 10.43
N GLU B 124 7.43 -28.49 10.42
CA GLU B 124 6.37 -28.02 11.29
CA GLU B 124 6.33 -28.03 11.25
C GLU B 124 5.73 -26.73 10.80
C GLU B 124 5.71 -26.73 10.81
N TYR B 125 6.21 -26.20 9.70
CA TYR B 125 5.65 -24.92 9.17
C TYR B 125 5.77 -23.81 10.22
N ARG B 126 6.94 -23.68 10.84
CA ARG B 126 7.21 -22.65 11.80
C ARG B 126 8.25 -21.68 11.35
N HIS B 127 9.08 -22.03 10.36
CA HIS B 127 10.08 -21.09 9.84
C HIS B 127 10.10 -21.23 8.31
N ALA B 128 10.21 -20.09 7.64
CA ALA B 128 10.16 -20.12 6.18
C ALA B 128 11.13 -19.11 5.59
N LEU B 129 11.78 -19.52 4.53
CA LEU B 129 12.60 -18.61 3.73
C LEU B 129 11.85 -18.31 2.46
N VAL B 130 11.53 -17.03 2.21
CA VAL B 130 10.68 -16.61 1.06
C VAL B 130 11.51 -15.67 0.20
N CYS B 131 11.47 -15.79 -1.10
CA CYS B 131 12.09 -14.88 -2.00
C CYS B 131 11.15 -14.33 -3.02
N GLY B 132 11.55 -13.28 -3.64
CA GLY B 132 10.82 -12.64 -4.74
C GLY B 132 11.28 -13.23 -6.06
N PRO B 133 11.16 -12.42 -7.13
CA PRO B 133 11.42 -12.96 -8.46
C PRO B 133 12.90 -12.91 -8.87
N ASP B 134 13.68 -12.29 -8.04
CA ASP B 134 15.13 -12.28 -8.24
C ASP B 134 15.81 -12.23 -6.89
N ARG B 135 17.11 -12.35 -6.87
CA ARG B 135 17.83 -12.43 -5.65
C ARG B 135 18.03 -11.11 -4.88
N ASP B 136 17.40 -10.04 -5.30
CA ASP B 136 17.32 -8.78 -4.54
C ASP B 136 16.17 -8.81 -3.51
N TYR B 137 15.39 -9.93 -3.42
CA TYR B 137 14.20 -10.00 -2.54
C TYR B 137 14.22 -11.24 -1.74
N LEU B 138 14.35 -11.11 -0.41
CA LEU B 138 14.45 -12.25 0.45
C LEU B 138 13.99 -11.97 1.84
N TRP B 139 13.29 -12.92 2.44
CA TRP B 139 12.77 -12.74 3.82
C TRP B 139 12.96 -14.01 4.64
N ILE B 140 13.26 -13.82 5.92
CA ILE B 140 13.29 -14.93 6.89
C ILE B 140 12.07 -14.70 7.79
N ASN B 141 11.18 -15.66 7.79
CA ASN B 141 9.92 -15.51 8.54
C ASN B 141 9.81 -16.61 9.59
N SER B 142 9.02 -16.37 10.61
CA SER B 142 8.90 -17.31 11.74
C SER B 142 7.54 -17.15 12.37
N ARG B 143 7.01 -18.25 12.90
CA ARG B 143 5.75 -18.19 13.66
C ARG B 143 6.00 -17.49 15.02
N THR B 144 7.26 -17.41 15.42
CA THR B 144 7.63 -16.72 16.67
C THR B 144 8.41 -15.46 16.31
N PRO B 145 8.39 -14.44 17.17
CA PRO B 145 9.05 -13.16 16.89
C PRO B 145 10.58 -13.13 16.94
N THR B 146 11.17 -14.18 17.53
CA THR B 146 12.59 -14.42 17.59
C THR B 146 12.85 -15.89 17.28
N ILE B 147 14.05 -16.12 16.78
CA ILE B 147 14.56 -17.46 16.44
C ILE B 147 15.89 -17.70 17.11
N SER B 148 16.18 -18.99 17.31
CA SER B 148 17.45 -19.42 17.85
C SER B 148 18.59 -19.18 16.88
N ASP B 149 19.80 -19.13 17.42
CA ASP B 149 20.96 -18.88 16.56
C ASP B 149 21.06 -20.04 15.62
N GLU B 150 20.69 -21.25 16.11
CA GLU B 150 20.72 -22.50 15.33
C GLU B 150 19.85 -22.35 14.07
N VAL B 151 18.59 -21.96 14.28
CA VAL B 151 17.59 -21.82 13.16
C VAL B 151 18.08 -20.70 12.21
N LYS B 152 18.59 -19.63 12.79
CA LYS B 152 19.07 -18.50 12.07
C LYS B 152 20.19 -18.94 11.14
N GLN B 153 21.18 -19.67 11.69
CA GLN B 153 22.31 -20.00 10.85
C GLN B 153 21.95 -20.97 9.71
N GLU B 154 21.01 -21.84 9.97
CA GLU B 154 20.58 -22.75 8.95
C GLU B 154 19.88 -22.00 7.82
N MET B 155 19.04 -21.04 8.20
CA MET B 155 18.31 -20.31 7.16
C MET B 155 19.27 -19.49 6.34
N LEU B 156 20.26 -18.90 6.99
CA LEU B 156 21.28 -18.16 6.25
C LEU B 156 22.06 -19.12 5.34
N ALA B 157 22.32 -20.33 5.81
CA ALA B 157 23.08 -21.26 4.96
C ALA B 157 22.26 -21.64 3.73
N VAL B 158 20.94 -21.78 3.85
CA VAL B 158 20.08 -22.04 2.66
C VAL B 158 20.09 -20.89 1.71
N ALA B 159 19.98 -19.66 2.23
CA ALA B 159 19.98 -18.51 1.40
C ALA B 159 21.26 -18.46 0.61
N THR B 160 22.31 -18.78 1.33
CA THR B 160 23.66 -18.75 0.75
C THR B 160 23.76 -19.83 -0.32
N ARG B 161 23.32 -21.03 0.01
CA ARG B 161 23.30 -22.18 -0.94
C ARG B 161 22.61 -21.76 -2.23
N GLU B 162 21.56 -20.96 -2.13
CA GLU B 162 20.78 -20.53 -3.31
C GLU B 162 21.31 -19.28 -4.03
N GLY B 163 22.45 -18.73 -3.63
CA GLY B 163 23.05 -17.66 -4.38
C GLY B 163 22.73 -16.25 -3.95
N PHE B 164 22.06 -16.19 -2.81
CA PHE B 164 21.70 -14.87 -2.26
C PHE B 164 22.87 -14.37 -1.42
N ASP B 165 22.99 -13.06 -1.34
CA ASP B 165 23.99 -12.38 -0.47
C ASP B 165 23.35 -11.99 0.87
N VAL B 166 23.59 -12.80 1.90
CA VAL B 166 22.90 -12.61 3.21
C VAL B 166 23.32 -11.32 3.89
N SER B 167 24.39 -10.71 3.43
CA SER B 167 24.77 -9.41 4.01
C SER B 167 23.74 -8.28 3.71
N LYS B 168 22.79 -8.54 2.78
CA LYS B 168 21.75 -7.61 2.48
C LYS B 168 20.57 -7.65 3.51
N PHE B 169 20.61 -8.60 4.43
CA PHE B 169 19.51 -8.65 5.40
C PHE B 169 19.55 -7.49 6.39
N ILE B 170 18.38 -6.95 6.65
CA ILE B 170 18.07 -6.02 7.75
C ILE B 170 17.40 -6.92 8.74
N TRP B 171 17.89 -6.91 9.97
CA TRP B 171 17.30 -7.70 11.08
C TRP B 171 16.26 -6.78 11.73
N VAL B 172 15.00 -7.20 11.67
CA VAL B 172 13.83 -6.35 11.93
C VAL B 172 13.47 -6.40 13.42
N GLN B 173 13.28 -5.24 14.01
CA GLN B 173 12.98 -5.23 15.45
C GLN B 173 11.67 -5.99 15.69
N GLN B 174 11.67 -6.91 16.65
CA GLN B 174 10.50 -7.71 17.00
C GLN B 174 10.41 -7.87 18.51
N PRO B 175 9.25 -8.30 19.04
CA PRO B 175 9.21 -8.64 20.50
C PRO B 175 10.31 -9.59 20.91
N GLY B 176 11.17 -9.15 21.82
CA GLY B 176 12.16 -10.03 22.39
C GLY B 176 13.46 -10.01 21.61
N SER B 177 13.53 -9.23 20.52
CA SER B 177 14.67 -9.32 19.62
C SER B 177 15.83 -8.51 20.20
#